data_1ZZB
#
_entry.id   1ZZB
#
_cell.length_a   86.240
_cell.length_b   86.240
_cell.length_c   220.150
_cell.angle_alpha   90.00
_cell.angle_beta   90.00
_cell.angle_gamma   120.00
#
_symmetry.space_group_name_H-M   'P 65 2 2'
#
loop_
_entity.id
_entity.type
_entity.pdbx_description
1 polymer 'Hydroxypropylphosphonic Acid Epoxidase'
2 non-polymer 'COBALT (II) ION'
3 non-polymer '(S)-2-HYDROXYPROPYLPHOSPHONIC ACID'
4 water water
#
_entity_poly.entity_id   1
_entity_poly.type   'polypeptide(L)'
_entity_poly.pdbx_seq_one_letter_code
;MSNTKTASTGFAELLKDRREQVKMDHAALASLLGETPETVAAWENGEGGELTLTQLGRIAHVLGTSIGALTPPAGNDLDD
GVIIQMPDERPILKGVRDNVDYYVYNCLVRTKRAPSLVPLVVDVLTDNPDDAKFNSGHAGNEFLFVLEGEIHMKWGDKEN
PKEALLPTGASMFVEEHVPHAFTAAKGTGSAKLIAVNF
;
_entity_poly.pdbx_strand_id   A,B
#
loop_
_chem_comp.id
_chem_comp.type
_chem_comp.name
_chem_comp.formula
CO non-polymer 'COBALT (II) ION' 'Co 2'
S0H non-polymer '(S)-2-HYDROXYPROPYLPHOSPHONIC ACID' 'C3 H9 O4 P'
#
# COMPACT_ATOMS: atom_id res chain seq x y z
N THR A 6 7.93 -7.57 11.96
CA THR A 6 7.71 -8.81 11.14
C THR A 6 6.56 -8.68 10.15
N ALA A 7 6.72 -9.33 9.00
CA ALA A 7 5.72 -9.33 7.95
C ALA A 7 4.46 -10.01 8.48
N SER A 8 4.67 -11.02 9.33
CA SER A 8 3.57 -11.77 9.90
C SER A 8 2.83 -11.02 11.01
N THR A 9 3.53 -10.14 11.72
CA THR A 9 2.87 -9.38 12.80
C THR A 9 2.12 -8.18 12.23
N GLY A 10 2.70 -7.54 11.22
CA GLY A 10 2.06 -6.41 10.59
C GLY A 10 0.82 -6.91 9.88
N PHE A 11 0.96 -8.01 9.17
CA PHE A 11 -0.16 -8.60 8.44
C PHE A 11 -1.26 -8.97 9.42
N ALA A 12 -0.86 -9.45 10.58
CA ALA A 12 -1.82 -9.85 11.61
C ALA A 12 -2.72 -8.68 12.05
N GLU A 13 -2.13 -7.52 12.30
CA GLU A 13 -2.93 -6.37 12.72
C GLU A 13 -3.69 -5.73 11.57
N LEU A 14 -3.06 -5.61 10.40
CA LEU A 14 -3.72 -5.00 9.26
C LEU A 14 -4.88 -5.87 8.76
N LEU A 15 -4.70 -7.19 8.81
CA LEU A 15 -5.75 -8.11 8.39
C LEU A 15 -6.95 -7.92 9.30
N LYS A 16 -6.69 -7.84 10.61
CA LYS A 16 -7.75 -7.66 11.58
C LYS A 16 -8.45 -6.31 11.40
N ASP A 17 -7.70 -5.24 11.16
CA ASP A 17 -8.30 -3.93 10.96
C ASP A 17 -9.25 -3.98 9.77
N ARG A 18 -8.75 -4.54 8.67
CA ARG A 18 -9.54 -4.64 7.45
C ARG A 18 -10.80 -5.48 7.60
N ARG A 19 -10.69 -6.64 8.25
CA ARG A 19 -11.86 -7.49 8.46
C ARG A 19 -12.92 -6.72 9.23
N GLU A 20 -12.50 -6.09 10.33
CA GLU A 20 -13.39 -5.31 11.18
C GLU A 20 -13.96 -4.13 10.40
N GLN A 21 -13.13 -3.55 9.55
CA GLN A 21 -13.52 -2.41 8.72
C GLN A 21 -14.66 -2.78 7.77
N VAL A 22 -14.69 -4.02 7.29
CA VAL A 22 -15.75 -4.45 6.38
C VAL A 22 -16.82 -5.26 7.11
N LYS A 23 -16.87 -5.12 8.43
CA LYS A 23 -17.85 -5.80 9.28
C LYS A 23 -17.93 -7.31 9.09
N MET A 24 -16.77 -7.97 9.06
CA MET A 24 -16.73 -9.41 8.89
C MET A 24 -16.18 -10.05 10.17
N ASP A 25 -16.78 -11.17 10.57
CA ASP A 25 -16.28 -11.89 11.74
C ASP A 25 -15.40 -13.00 11.15
N HIS A 26 -14.64 -13.67 12.01
CA HIS A 26 -13.76 -14.74 11.57
C HIS A 26 -14.48 -15.74 10.67
N ALA A 27 -15.68 -16.14 11.08
CA ALA A 27 -16.47 -17.12 10.33
C ALA A 27 -16.74 -16.66 8.91
N ALA A 28 -17.23 -15.43 8.76
CA ALA A 28 -17.52 -14.91 7.43
C ALA A 28 -16.30 -14.95 6.53
N LEU A 29 -15.18 -14.44 7.03
CA LEU A 29 -13.95 -14.42 6.23
C LEU A 29 -13.50 -15.85 5.88
N ALA A 30 -13.51 -16.75 6.86
CA ALA A 30 -13.12 -18.13 6.62
C ALA A 30 -13.91 -18.75 5.45
N SER A 31 -15.23 -18.56 5.46
CA SER A 31 -16.11 -19.09 4.41
C SER A 31 -15.69 -18.69 3.00
N LEU A 32 -14.92 -17.60 2.89
CA LEU A 32 -14.50 -17.11 1.59
C LEU A 32 -13.12 -17.58 1.15
N LEU A 33 -12.37 -18.20 2.06
CA LEU A 33 -11.01 -18.65 1.74
C LEU A 33 -10.73 -20.14 1.90
N GLY A 34 -11.75 -20.96 2.07
CA GLY A 34 -11.52 -22.38 2.25
C GLY A 34 -10.67 -22.65 3.50
N GLU A 35 -10.99 -21.95 4.58
CA GLU A 35 -10.27 -22.11 5.85
C GLU A 35 -11.30 -22.12 6.97
N THR A 36 -10.89 -22.49 8.17
CA THR A 36 -11.78 -22.51 9.32
C THR A 36 -11.61 -21.18 10.04
N PRO A 37 -12.61 -20.78 10.84
CA PRO A 37 -12.43 -19.51 11.55
C PRO A 37 -11.21 -19.53 12.47
N GLU A 38 -10.85 -20.70 12.96
CA GLU A 38 -9.68 -20.85 13.84
C GLU A 38 -8.40 -20.47 13.09
N THR A 39 -8.34 -20.85 11.82
CA THR A 39 -7.19 -20.55 10.99
C THR A 39 -7.09 -19.04 10.79
N VAL A 40 -8.24 -18.42 10.57
CA VAL A 40 -8.29 -16.98 10.37
C VAL A 40 -7.78 -16.30 11.63
N ALA A 41 -8.33 -16.69 12.78
CA ALA A 41 -7.91 -16.14 14.07
C ALA A 41 -6.42 -16.35 14.29
N ALA A 42 -5.89 -17.46 13.80
CA ALA A 42 -4.48 -17.74 13.95
C ALA A 42 -3.65 -16.73 13.17
N TRP A 43 -4.07 -16.41 11.94
CA TRP A 43 -3.35 -15.42 11.13
C TRP A 43 -3.27 -14.11 11.88
N GLU A 44 -4.38 -13.74 12.51
CA GLU A 44 -4.46 -12.51 13.29
C GLU A 44 -3.66 -12.64 14.58
N ASN A 45 -3.09 -13.82 14.80
CA ASN A 45 -2.29 -14.03 15.98
C ASN A 45 -0.83 -14.13 15.55
N GLY A 46 -0.56 -13.70 14.32
CA GLY A 46 0.79 -13.71 13.78
C GLY A 46 1.25 -15.00 13.13
N GLU A 47 0.34 -15.96 12.97
CA GLU A 47 0.70 -17.24 12.38
C GLU A 47 0.48 -17.39 10.86
N GLY A 48 0.35 -16.25 10.17
CA GLY A 48 0.14 -16.29 8.73
C GLY A 48 1.43 -16.31 7.92
N GLY A 49 2.56 -16.29 8.61
CA GLY A 49 3.86 -16.29 7.96
C GLY A 49 4.09 -17.21 6.77
N GLU A 50 3.42 -18.36 6.71
CA GLU A 50 3.60 -19.29 5.60
C GLU A 50 2.68 -19.08 4.41
N LEU A 51 1.71 -18.19 4.55
CA LEU A 51 0.78 -17.91 3.46
C LEU A 51 1.56 -17.55 2.20
N THR A 52 1.14 -18.08 1.07
CA THR A 52 1.79 -17.82 -0.20
C THR A 52 1.30 -16.51 -0.82
N LEU A 53 2.05 -16.01 -1.78
CA LEU A 53 1.71 -14.79 -2.49
C LEU A 53 0.33 -14.94 -3.10
N THR A 54 0.09 -16.10 -3.70
CA THR A 54 -1.20 -16.40 -4.32
C THR A 54 -2.32 -16.35 -3.27
N GLN A 55 -2.08 -16.93 -2.11
CA GLN A 55 -3.09 -16.94 -1.05
C GLN A 55 -3.33 -15.53 -0.55
N LEU A 56 -2.27 -14.75 -0.46
CA LEU A 56 -2.37 -13.37 -0.02
C LEU A 56 -3.22 -12.62 -1.03
N GLY A 57 -2.99 -12.90 -2.31
CA GLY A 57 -3.77 -12.27 -3.37
C GLY A 57 -5.25 -12.59 -3.20
N ARG A 58 -5.55 -13.81 -2.82
CA ARG A 58 -6.93 -14.26 -2.62
C ARG A 58 -7.54 -13.57 -1.40
N ILE A 59 -6.73 -13.39 -0.36
CA ILE A 59 -7.18 -12.75 0.87
C ILE A 59 -7.48 -11.27 0.63
N ALA A 60 -6.61 -10.57 -0.08
CA ALA A 60 -6.82 -9.16 -0.37
C ALA A 60 -8.10 -9.03 -1.19
N HIS A 61 -8.22 -9.89 -2.20
CA HIS A 61 -9.38 -9.89 -3.08
C HIS A 61 -10.71 -9.94 -2.35
N VAL A 62 -10.94 -10.99 -1.56
CA VAL A 62 -12.21 -11.13 -0.86
C VAL A 62 -12.45 -10.02 0.15
N LEU A 63 -11.39 -9.30 0.51
CA LEU A 63 -11.50 -8.19 1.44
C LEU A 63 -11.60 -6.88 0.65
N GLY A 64 -11.72 -7.00 -0.66
CA GLY A 64 -11.85 -5.84 -1.52
C GLY A 64 -10.72 -4.83 -1.50
N THR A 65 -9.48 -5.31 -1.33
CA THR A 65 -8.34 -4.42 -1.29
C THR A 65 -7.07 -5.04 -1.86
N SER A 66 -5.92 -4.42 -1.63
CA SER A 66 -4.66 -4.93 -2.14
C SER A 66 -3.80 -5.58 -1.06
N ILE A 67 -2.81 -6.35 -1.50
CA ILE A 67 -1.89 -7.00 -0.58
C ILE A 67 -1.16 -5.93 0.23
N GLY A 68 -0.72 -4.87 -0.46
CA GLY A 68 -0.02 -3.78 0.19
C GLY A 68 -0.76 -3.15 1.35
N ALA A 69 -2.09 -3.13 1.28
CA ALA A 69 -2.92 -2.58 2.33
C ALA A 69 -2.95 -3.51 3.54
N LEU A 70 -2.53 -4.75 3.35
CA LEU A 70 -2.54 -5.73 4.43
C LEU A 70 -1.13 -6.02 4.96
N THR A 71 -0.13 -5.39 4.36
CA THR A 71 1.25 -5.60 4.77
C THR A 71 1.88 -4.32 5.30
N PRO A 72 2.74 -4.43 6.32
CA PRO A 72 3.43 -3.28 6.95
C PRO A 72 4.37 -2.52 6.02
N PRO A 73 4.69 -1.26 6.37
CA PRO A 73 5.59 -0.45 5.56
C PRO A 73 7.01 -0.99 5.62
N ALA A 74 7.90 -0.47 4.78
CA ALA A 74 9.29 -0.92 4.74
C ALA A 74 9.99 -1.05 6.10
N GLY A 75 9.69 -0.15 7.04
CA GLY A 75 10.32 -0.25 8.34
C GLY A 75 11.21 0.94 8.67
N ASN A 76 11.87 0.89 9.82
CA ASN A 76 12.74 1.98 10.26
C ASN A 76 14.17 1.54 10.54
N ASP A 77 15.10 2.00 9.69
CA ASP A 77 16.52 1.69 9.80
C ASP A 77 17.30 2.92 10.24
N LEU A 78 16.60 3.93 10.74
CA LEU A 78 17.24 5.17 11.15
C LEU A 78 17.66 5.21 12.62
N ASP A 79 18.71 5.99 12.88
CA ASP A 79 19.24 6.20 14.22
C ASP A 79 18.75 7.59 14.63
N ASP A 80 17.65 7.63 15.37
CA ASP A 80 17.06 8.88 15.82
C ASP A 80 16.80 9.83 14.65
N GLY A 81 16.41 9.27 13.52
CA GLY A 81 16.10 10.07 12.34
C GLY A 81 17.19 10.15 11.30
N VAL A 82 18.34 9.51 11.56
CA VAL A 82 19.46 9.54 10.64
C VAL A 82 20.08 8.19 10.33
N ILE A 83 20.68 8.10 9.15
CA ILE A 83 21.40 6.90 8.74
C ILE A 83 22.58 7.39 7.92
N ILE A 84 23.76 6.84 8.21
CA ILE A 84 24.99 7.22 7.54
C ILE A 84 25.63 6.07 6.78
N GLN A 85 26.48 6.41 5.81
CA GLN A 85 27.22 5.41 5.04
C GLN A 85 28.64 5.93 4.79
N MET A 86 29.64 5.15 5.20
CA MET A 86 31.04 5.54 5.00
C MET A 86 31.39 5.27 3.53
N PRO A 87 32.41 5.94 2.99
CA PRO A 87 32.81 5.74 1.60
C PRO A 87 33.18 4.32 1.19
N ASP A 88 33.61 3.49 2.14
CA ASP A 88 34.00 2.11 1.82
C ASP A 88 32.87 1.08 1.82
N GLU A 89 31.79 1.36 2.54
CA GLU A 89 30.69 0.41 2.63
C GLU A 89 29.68 0.38 1.47
N ARG A 90 30.11 0.76 0.26
CA ARG A 90 29.19 0.72 -0.88
C ARG A 90 29.79 -0.05 -2.05
N ASP A 101 29.08 -2.60 -21.48
CA ASP A 101 29.80 -1.87 -20.38
C ASP A 101 29.55 -0.37 -20.53
N TYR A 102 28.52 0.12 -19.86
CA TYR A 102 28.14 1.53 -19.97
C TYR A 102 28.41 2.37 -18.72
N TYR A 103 28.00 1.87 -17.56
CA TYR A 103 28.19 2.58 -16.29
C TYR A 103 28.78 1.70 -15.19
N VAL A 104 29.11 2.37 -14.09
CA VAL A 104 29.62 1.73 -12.88
C VAL A 104 28.91 2.49 -11.78
N TYR A 105 27.96 1.82 -11.12
CA TYR A 105 27.20 2.45 -10.05
C TYR A 105 27.84 2.25 -8.69
N ASN A 106 28.16 3.35 -8.03
CA ASN A 106 28.73 3.34 -6.70
C ASN A 106 27.59 3.82 -5.81
N CYS A 107 26.79 2.89 -5.32
CA CYS A 107 25.61 3.17 -4.51
C CYS A 107 25.89 3.87 -3.18
N LEU A 108 25.16 4.96 -2.94
CA LEU A 108 25.29 5.73 -1.71
C LEU A 108 24.18 5.34 -0.74
N VAL A 109 24.22 5.91 0.47
CA VAL A 109 23.24 5.62 1.50
C VAL A 109 21.79 5.47 1.05
N ARG A 110 21.10 4.50 1.62
CA ARG A 110 19.69 4.25 1.31
C ARG A 110 18.90 4.05 2.61
N THR A 111 17.57 4.10 2.52
CA THR A 111 16.75 3.93 3.71
C THR A 111 15.31 3.48 3.44
N LYS A 112 14.79 2.69 4.37
CA LYS A 112 13.44 2.19 4.28
C LYS A 112 12.40 3.26 4.59
N ARG A 113 12.82 4.35 5.22
CA ARG A 113 11.90 5.43 5.56
C ARG A 113 11.61 6.33 4.35
N ALA A 114 12.27 6.03 3.22
CA ALA A 114 12.10 6.76 1.97
C ALA A 114 12.68 5.84 0.89
N PRO A 115 11.96 4.76 0.57
CA PRO A 115 12.36 3.77 -0.43
C PRO A 115 12.78 4.33 -1.79
N SER A 116 12.08 5.37 -2.23
CA SER A 116 12.37 5.95 -3.53
C SER A 116 13.73 6.64 -3.60
N LEU A 117 14.33 6.97 -2.46
CA LEU A 117 15.65 7.61 -2.47
C LEU A 117 16.76 6.64 -2.88
N VAL A 118 17.34 6.84 -4.06
CA VAL A 118 18.43 5.99 -4.52
C VAL A 118 19.55 6.86 -5.10
N PRO A 119 20.47 7.33 -4.23
CA PRO A 119 21.60 8.16 -4.64
C PRO A 119 22.78 7.33 -5.12
N LEU A 120 23.49 7.85 -6.11
CA LEU A 120 24.62 7.14 -6.69
C LEU A 120 25.71 8.08 -7.17
N VAL A 121 26.89 7.51 -7.35
CA VAL A 121 28.02 8.22 -7.92
C VAL A 121 28.17 7.34 -9.16
N VAL A 122 27.87 7.89 -10.33
CA VAL A 122 27.95 7.11 -11.55
C VAL A 122 29.17 7.45 -12.38
N ASP A 123 29.85 6.42 -12.83
CA ASP A 123 31.02 6.57 -13.69
C ASP A 123 30.58 6.32 -15.12
N VAL A 124 30.78 7.31 -15.98
CA VAL A 124 30.42 7.16 -17.37
C VAL A 124 31.71 6.81 -18.11
N LEU A 125 31.87 5.54 -18.44
CA LEU A 125 33.07 5.04 -19.09
C LEU A 125 33.15 5.30 -20.59
N THR A 126 32.01 5.64 -21.21
CA THR A 126 32.02 5.88 -22.65
C THR A 126 32.05 7.37 -23.02
N ASP A 127 32.57 7.66 -24.21
CA ASP A 127 32.65 9.05 -24.66
C ASP A 127 32.35 9.21 -26.15
N ASN A 128 31.37 8.44 -26.63
CA ASN A 128 30.95 8.52 -28.02
C ASN A 128 29.43 8.64 -28.03
N PRO A 129 28.93 9.88 -27.97
CA PRO A 129 27.51 10.25 -27.95
C PRO A 129 26.62 9.46 -28.90
N ASP A 130 27.10 9.20 -30.12
CA ASP A 130 26.31 8.46 -31.11
C ASP A 130 26.22 6.98 -30.74
N ASP A 131 26.94 6.59 -29.68
CA ASP A 131 26.91 5.21 -29.21
C ASP A 131 26.15 5.19 -27.88
N ALA A 132 25.43 6.26 -27.59
CA ALA A 132 24.67 6.34 -26.34
C ALA A 132 23.48 5.38 -26.38
N LYS A 133 23.18 4.77 -25.24
CA LYS A 133 22.07 3.83 -25.12
C LYS A 133 21.06 4.30 -24.08
N PHE A 134 19.93 4.79 -24.56
CA PHE A 134 18.85 5.29 -23.70
C PHE A 134 18.26 4.20 -22.83
N ASN A 135 17.69 4.60 -21.70
CA ASN A 135 17.00 3.64 -20.84
C ASN A 135 15.56 3.87 -21.29
N SER A 136 14.63 3.01 -20.90
CA SER A 136 13.24 3.19 -21.34
C SER A 136 12.50 4.22 -20.48
N GLY A 137 13.25 4.89 -19.60
CA GLY A 137 12.65 5.86 -18.70
C GLY A 137 12.34 5.11 -17.42
N HIS A 138 12.38 5.79 -16.28
CA HIS A 138 12.08 5.11 -15.02
C HIS A 138 11.25 5.97 -14.07
N ALA A 139 10.51 5.29 -13.20
CA ALA A 139 9.67 5.97 -12.22
C ALA A 139 10.53 6.81 -11.28
N GLY A 140 9.98 7.92 -10.83
CA GLY A 140 10.70 8.80 -9.94
C GLY A 140 11.48 9.88 -10.66
N ASN A 141 11.66 11.01 -9.98
CA ASN A 141 12.42 12.11 -10.53
C ASN A 141 13.88 11.84 -10.27
N GLU A 142 14.77 12.56 -10.96
CA GLU A 142 16.19 12.37 -10.77
C GLU A 142 17.01 13.65 -10.86
N PHE A 143 17.69 13.98 -9.77
CA PHE A 143 18.55 15.15 -9.74
C PHE A 143 19.96 14.65 -10.08
N LEU A 144 20.70 15.44 -10.84
CA LEU A 144 22.06 15.05 -11.19
C LEU A 144 23.01 16.22 -11.04
N PHE A 145 24.29 15.90 -10.88
CA PHE A 145 25.33 16.89 -10.71
C PHE A 145 26.59 16.32 -11.34
N VAL A 146 27.19 17.06 -12.27
CA VAL A 146 28.42 16.60 -12.92
C VAL A 146 29.55 16.76 -11.92
N LEU A 147 30.03 15.63 -11.43
CA LEU A 147 31.09 15.62 -10.44
C LEU A 147 32.48 15.81 -11.08
N GLU A 148 32.69 15.22 -12.25
CA GLU A 148 33.97 15.34 -12.93
C GLU A 148 33.85 15.07 -14.42
N GLY A 149 34.65 15.81 -15.19
CA GLY A 149 34.63 15.68 -16.64
C GLY A 149 33.47 16.42 -17.29
N GLU A 150 33.24 16.10 -18.56
CA GLU A 150 32.15 16.72 -19.30
C GLU A 150 31.15 15.64 -19.67
N ILE A 151 29.88 16.01 -19.67
CA ILE A 151 28.80 15.08 -19.98
C ILE A 151 27.96 15.50 -21.19
N HIS A 152 27.65 14.52 -22.03
CA HIS A 152 26.80 14.74 -23.19
C HIS A 152 25.47 14.05 -22.86
N MET A 153 24.47 14.84 -22.47
CA MET A 153 23.17 14.30 -22.10
C MET A 153 22.14 14.24 -23.24
N LYS A 154 21.35 13.17 -23.26
CA LYS A 154 20.32 13.00 -24.27
C LYS A 154 19.03 12.56 -23.56
N TRP A 155 17.88 13.05 -24.04
CA TRP A 155 16.60 12.68 -23.42
C TRP A 155 15.43 12.81 -24.39
N GLY A 156 14.29 12.26 -23.98
CA GLY A 156 13.09 12.30 -24.81
C GLY A 156 13.04 11.08 -25.70
N ASP A 157 12.72 11.28 -26.97
CA ASP A 157 12.64 10.15 -27.90
C ASP A 157 14.04 9.84 -28.44
N LYS A 158 14.45 8.59 -28.24
CA LYS A 158 15.76 8.13 -28.68
C LYS A 158 15.99 8.29 -30.19
N GLU A 159 14.91 8.34 -30.97
CA GLU A 159 15.03 8.51 -32.42
C GLU A 159 15.24 9.99 -32.81
N ASN A 160 14.78 10.90 -31.94
CA ASN A 160 14.95 12.34 -32.15
C ASN A 160 15.00 12.98 -30.76
N PRO A 161 16.12 12.79 -30.05
CA PRO A 161 16.31 13.34 -28.71
C PRO A 161 16.84 14.75 -28.58
N LYS A 162 16.58 15.34 -27.43
CA LYS A 162 17.08 16.66 -27.09
C LYS A 162 18.48 16.31 -26.57
N GLU A 163 19.43 17.25 -26.67
CA GLU A 163 20.77 16.98 -26.19
C GLU A 163 21.35 18.20 -25.52
N ALA A 164 22.38 18.00 -24.70
CA ALA A 164 23.03 19.10 -24.01
C ALA A 164 24.44 18.73 -23.54
N LEU A 165 25.34 19.70 -23.60
CA LEU A 165 26.72 19.54 -23.15
C LEU A 165 26.78 20.09 -21.74
N LEU A 166 27.13 19.23 -20.80
CA LEU A 166 27.19 19.63 -19.39
C LEU A 166 28.60 19.55 -18.83
N PRO A 167 29.14 20.68 -18.38
CA PRO A 167 30.49 20.76 -17.80
C PRO A 167 30.46 20.53 -16.30
N THR A 168 31.63 20.28 -15.72
CA THR A 168 31.74 20.05 -14.29
C THR A 168 31.04 21.15 -13.51
N GLY A 169 30.25 20.74 -12.52
CA GLY A 169 29.51 21.71 -11.71
C GLY A 169 28.07 21.85 -12.15
N ALA A 170 27.78 21.41 -13.37
CA ALA A 170 26.42 21.50 -13.88
C ALA A 170 25.46 20.56 -13.17
N SER A 171 24.23 21.01 -12.95
CA SER A 171 23.21 20.21 -12.30
C SER A 171 21.97 20.12 -13.19
N MET A 172 21.29 18.99 -13.17
CA MET A 172 20.10 18.79 -13.98
C MET A 172 19.02 17.99 -13.27
N PHE A 173 17.81 18.07 -13.82
CA PHE A 173 16.65 17.38 -13.28
C PHE A 173 15.88 16.71 -14.42
N VAL A 174 15.66 15.41 -14.33
CA VAL A 174 14.87 14.75 -15.37
C VAL A 174 13.63 14.17 -14.70
N GLU A 175 12.48 14.61 -15.21
CA GLU A 175 11.18 14.21 -14.71
C GLU A 175 10.91 12.72 -14.87
N GLU A 176 10.08 12.18 -13.99
CA GLU A 176 9.70 10.76 -13.99
C GLU A 176 9.27 10.25 -15.36
N HIS A 177 9.73 9.05 -15.70
CA HIS A 177 9.41 8.39 -16.97
C HIS A 177 10.02 8.98 -18.24
N VAL A 178 10.78 10.06 -18.12
CA VAL A 178 11.42 10.63 -19.28
C VAL A 178 12.69 9.83 -19.58
N PRO A 179 12.73 9.15 -20.73
CA PRO A 179 13.92 8.36 -21.05
C PRO A 179 15.16 9.22 -21.26
N HIS A 180 16.32 8.72 -20.84
CA HIS A 180 17.57 9.46 -20.97
C HIS A 180 18.80 8.59 -21.17
N ALA A 181 19.91 9.24 -21.52
CA ALA A 181 21.18 8.59 -21.77
C ALA A 181 22.33 9.55 -21.47
N PHE A 182 23.49 9.01 -21.09
CA PHE A 182 24.65 9.82 -20.77
C PHE A 182 25.95 9.21 -21.28
N THR A 183 26.90 10.07 -21.67
CA THR A 183 28.23 9.65 -22.10
C THR A 183 29.07 10.87 -21.85
N ALA A 184 30.38 10.72 -21.87
CA ALA A 184 31.25 11.87 -21.69
C ALA A 184 31.18 12.60 -23.03
N ALA A 185 31.62 13.84 -23.05
CA ALA A 185 31.62 14.61 -24.30
C ALA A 185 32.61 13.92 -25.24
N LYS A 186 32.29 13.90 -26.52
CA LYS A 186 33.11 13.28 -27.56
C LYS A 186 34.62 13.43 -27.31
N GLY A 187 35.32 12.30 -27.37
CA GLY A 187 36.77 12.30 -27.16
C GLY A 187 37.22 12.57 -25.74
N SER A 190 36.30 10.01 -20.04
CA SER A 190 35.25 9.55 -19.09
C SER A 190 34.76 10.69 -18.21
N ALA A 191 33.58 10.51 -17.62
CA ALA A 191 33.01 11.51 -16.75
C ALA A 191 32.38 10.85 -15.54
N LYS A 192 32.28 11.64 -14.47
CA LYS A 192 31.72 11.17 -13.23
C LYS A 192 30.66 12.14 -12.73
N LEU A 193 29.51 11.59 -12.35
CA LEU A 193 28.44 12.43 -11.84
C LEU A 193 27.71 11.79 -10.67
N ILE A 194 27.06 12.61 -9.89
CA ILE A 194 26.23 12.14 -8.80
C ILE A 194 24.74 12.21 -9.17
N ALA A 195 24.06 11.09 -9.15
CA ALA A 195 22.66 11.04 -9.55
C ALA A 195 21.82 10.63 -8.35
N VAL A 196 20.70 11.31 -8.15
CA VAL A 196 19.82 11.04 -7.02
C VAL A 196 18.36 10.84 -7.43
N ASN A 197 17.88 9.60 -7.38
CA ASN A 197 16.49 9.29 -7.71
C ASN A 197 15.69 9.48 -6.43
N PHE A 198 14.51 10.10 -6.53
CA PHE A 198 13.69 10.35 -5.34
C PHE A 198 12.18 10.39 -5.61
N THR B 6 -2.64 -12.97 -11.06
CA THR B 6 -1.97 -11.67 -11.35
C THR B 6 -1.20 -11.13 -10.13
N ALA B 7 -1.40 -11.72 -8.97
CA ALA B 7 -0.64 -11.28 -7.81
C ALA B 7 0.80 -11.68 -8.16
N SER B 8 0.97 -12.86 -8.74
CA SER B 8 2.30 -13.32 -9.13
C SER B 8 2.82 -12.57 -10.35
N THR B 9 1.91 -12.23 -11.25
CA THR B 9 2.28 -11.48 -12.46
C THR B 9 2.66 -10.06 -12.05
N GLY B 10 1.87 -9.48 -11.15
CA GLY B 10 2.13 -8.13 -10.68
C GLY B 10 3.48 -8.08 -9.98
N PHE B 11 3.72 -9.07 -9.11
CA PHE B 11 4.98 -9.14 -8.38
C PHE B 11 6.14 -9.27 -9.37
N ALA B 12 5.93 -10.04 -10.43
CA ALA B 12 6.96 -10.25 -11.45
C ALA B 12 7.44 -8.91 -12.04
N GLU B 13 6.49 -8.09 -12.46
CA GLU B 13 6.80 -6.79 -13.05
C GLU B 13 7.36 -5.80 -12.04
N LEU B 14 6.72 -5.72 -10.88
CA LEU B 14 7.16 -4.80 -9.84
C LEU B 14 8.53 -5.22 -9.27
N LEU B 15 8.79 -6.51 -9.22
CA LEU B 15 10.08 -7.01 -8.73
C LEU B 15 11.17 -6.52 -9.67
N LYS B 16 10.97 -6.76 -10.96
CA LYS B 16 11.92 -6.35 -11.97
C LYS B 16 12.22 -4.87 -11.84
N ASP B 17 11.17 -4.04 -11.78
CA ASP B 17 11.34 -2.60 -11.66
C ASP B 17 12.15 -2.18 -10.43
N ARG B 18 11.77 -2.66 -9.25
CA ARG B 18 12.49 -2.29 -8.04
C ARG B 18 13.97 -2.67 -8.13
N ARG B 19 14.24 -3.87 -8.60
CA ARG B 19 15.62 -4.34 -8.72
C ARG B 19 16.40 -3.41 -9.65
N GLU B 20 15.73 -2.99 -10.72
CA GLU B 20 16.36 -2.11 -11.68
C GLU B 20 16.65 -0.75 -11.06
N GLN B 21 15.72 -0.23 -10.27
CA GLN B 21 15.97 1.08 -9.66
C GLN B 21 17.06 1.07 -8.58
N VAL B 22 17.38 -0.09 -8.04
CA VAL B 22 18.47 -0.15 -7.06
C VAL B 22 19.74 -0.60 -7.75
N LYS B 23 19.71 -0.67 -9.08
CA LYS B 23 20.84 -1.05 -9.92
C LYS B 23 21.37 -2.48 -9.77
N MET B 24 20.51 -3.39 -9.32
CA MET B 24 20.94 -4.78 -9.14
C MET B 24 20.63 -5.67 -10.34
N ASP B 25 21.46 -6.70 -10.54
CA ASP B 25 21.25 -7.68 -11.60
C ASP B 25 20.85 -8.98 -10.90
N HIS B 26 20.26 -9.92 -11.63
CA HIS B 26 19.83 -11.19 -11.03
C HIS B 26 20.79 -11.77 -9.98
N ALA B 27 22.08 -11.84 -10.34
CA ALA B 27 23.09 -12.39 -9.43
C ALA B 27 23.26 -11.57 -8.15
N ALA B 28 23.25 -10.25 -8.27
CA ALA B 28 23.41 -9.37 -7.12
C ALA B 28 22.33 -9.65 -6.09
N LEU B 29 21.07 -9.64 -6.54
CA LEU B 29 19.94 -9.88 -5.68
C LEU B 29 19.95 -11.31 -5.12
N ALA B 30 20.14 -12.29 -6.00
CA ALA B 30 20.16 -13.70 -5.59
C ALA B 30 21.12 -14.02 -4.43
N SER B 31 22.33 -13.47 -4.51
CA SER B 31 23.32 -13.69 -3.44
C SER B 31 22.81 -13.11 -2.13
N LEU B 32 22.40 -11.84 -2.15
CA LEU B 32 21.87 -11.19 -0.95
C LEU B 32 20.72 -11.99 -0.34
N LEU B 33 20.07 -12.83 -1.15
CA LEU B 33 18.96 -13.64 -0.68
C LEU B 33 19.29 -15.11 -0.45
N GLY B 34 20.46 -15.55 -0.90
CA GLY B 34 20.83 -16.95 -0.74
C GLY B 34 20.13 -17.84 -1.74
N GLU B 35 19.89 -17.27 -2.92
CA GLU B 35 19.22 -17.97 -4.02
C GLU B 35 20.13 -17.95 -5.23
N THR B 36 19.69 -18.62 -6.29
CA THR B 36 20.44 -18.66 -7.53
C THR B 36 19.84 -17.60 -8.47
N PRO B 37 20.67 -17.01 -9.35
CA PRO B 37 20.12 -15.99 -10.25
C PRO B 37 18.96 -16.53 -11.10
N GLU B 38 18.97 -17.84 -11.37
CA GLU B 38 17.88 -18.46 -12.14
C GLU B 38 16.57 -18.32 -11.37
N THR B 39 16.61 -18.62 -10.07
CA THR B 39 15.39 -18.52 -9.26
C THR B 39 14.79 -17.12 -9.31
N VAL B 40 15.65 -16.10 -9.27
CA VAL B 40 15.19 -14.71 -9.35
C VAL B 40 14.53 -14.48 -10.72
N ALA B 41 15.18 -14.97 -11.77
CA ALA B 41 14.67 -14.83 -13.12
C ALA B 41 13.26 -15.43 -13.19
N ALA B 42 13.07 -16.57 -12.53
CA ALA B 42 11.77 -17.21 -12.54
C ALA B 42 10.71 -16.30 -11.89
N TRP B 43 11.07 -15.64 -10.80
CA TRP B 43 10.14 -14.74 -10.11
C TRP B 43 9.72 -13.61 -11.04
N GLU B 44 10.68 -13.03 -11.75
CA GLU B 44 10.41 -11.94 -12.67
C GLU B 44 9.69 -12.50 -13.89
N ASN B 45 9.52 -13.81 -13.88
CA ASN B 45 8.85 -14.51 -14.97
C ASN B 45 7.47 -14.98 -14.52
N GLY B 46 7.02 -14.49 -13.37
CA GLY B 46 5.71 -14.86 -12.85
C GLY B 46 5.64 -16.17 -12.09
N GLU B 47 6.80 -16.75 -11.79
CA GLU B 47 6.83 -18.02 -11.06
C GLU B 47 7.02 -17.85 -9.56
N GLY B 48 6.74 -16.64 -9.04
CA GLY B 48 6.90 -16.39 -7.62
C GLY B 48 5.63 -16.61 -6.81
N GLY B 49 4.64 -17.25 -7.41
CA GLY B 49 3.38 -17.50 -6.74
C GLY B 49 3.40 -18.25 -5.41
N GLU B 50 4.42 -19.07 -5.19
CA GLU B 50 4.47 -19.83 -3.95
C GLU B 50 5.31 -19.21 -2.81
N LEU B 51 6.01 -18.12 -3.11
CA LEU B 51 6.80 -17.43 -2.09
C LEU B 51 5.88 -17.12 -0.90
N THR B 52 6.39 -17.33 0.32
CA THR B 52 5.59 -17.07 1.51
C THR B 52 5.64 -15.61 1.93
N LEU B 53 4.73 -15.24 2.82
CA LEU B 53 4.67 -13.87 3.34
C LEU B 53 6.05 -13.52 3.90
N THR B 54 6.65 -14.47 4.61
CA THR B 54 7.96 -14.29 5.22
C THR B 54 9.06 -14.05 4.20
N GLN B 55 9.02 -14.80 3.09
CA GLN B 55 10.02 -14.62 2.04
C GLN B 55 9.83 -13.26 1.37
N LEU B 56 8.57 -12.86 1.16
CA LEU B 56 8.28 -11.57 0.54
C LEU B 56 8.86 -10.47 1.40
N GLY B 57 8.82 -10.66 2.72
CA GLY B 57 9.36 -9.69 3.64
C GLY B 57 10.87 -9.55 3.49
N ARG B 58 11.57 -10.68 3.37
CA ARG B 58 13.02 -10.65 3.21
C ARG B 58 13.37 -9.98 1.90
N ILE B 59 12.63 -10.33 0.85
CA ILE B 59 12.84 -9.76 -0.47
C ILE B 59 12.63 -8.24 -0.41
N ALA B 60 11.56 -7.82 0.27
CA ALA B 60 11.26 -6.40 0.40
C ALA B 60 12.38 -5.71 1.16
N HIS B 61 12.80 -6.32 2.26
CA HIS B 61 13.86 -5.78 3.10
C HIS B 61 15.16 -5.55 2.34
N VAL B 62 15.60 -6.57 1.60
CA VAL B 62 16.84 -6.48 0.83
C VAL B 62 16.74 -5.43 -0.27
N LEU B 63 15.51 -5.17 -0.71
CA LEU B 63 15.25 -4.18 -1.75
C LEU B 63 14.97 -2.79 -1.17
N GLY B 64 15.12 -2.66 0.15
CA GLY B 64 14.89 -1.40 0.83
C GLY B 64 13.51 -0.80 0.72
N THR B 65 12.49 -1.65 0.56
CA THR B 65 11.14 -1.17 0.44
C THR B 65 10.11 -2.09 1.11
N SER B 66 8.83 -1.89 0.81
CA SER B 66 7.76 -2.69 1.41
C SER B 66 7.21 -3.74 0.47
N ILE B 67 6.43 -4.66 1.02
CA ILE B 67 5.81 -5.71 0.22
C ILE B 67 4.76 -5.05 -0.68
N GLY B 68 4.12 -4.01 -0.15
CA GLY B 68 3.11 -3.30 -0.90
C GLY B 68 3.68 -2.73 -2.18
N ALA B 69 4.90 -2.20 -2.09
CA ALA B 69 5.58 -1.65 -3.25
C ALA B 69 5.88 -2.72 -4.29
N LEU B 70 5.87 -3.99 -3.87
CA LEU B 70 6.16 -5.07 -4.78
C LEU B 70 4.94 -5.83 -5.28
N THR B 71 3.77 -5.47 -4.76
CA THR B 71 2.53 -6.11 -5.16
C THR B 71 1.60 -5.13 -5.88
N PRO B 72 0.80 -5.64 -6.85
CA PRO B 72 -0.13 -4.81 -7.62
C PRO B 72 -1.27 -4.17 -6.83
N PRO B 73 -1.94 -3.17 -7.42
CA PRO B 73 -3.04 -2.51 -6.74
C PRO B 73 -4.25 -3.46 -6.66
N ALA B 74 -5.24 -3.11 -5.87
CA ALA B 74 -6.42 -3.94 -5.67
C ALA B 74 -7.08 -4.50 -6.93
N GLY B 75 -7.12 -3.74 -8.01
CA GLY B 75 -7.75 -4.26 -9.23
C GLY B 75 -9.04 -3.54 -9.60
N ASN B 76 -9.60 -3.90 -10.75
CA ASN B 76 -10.81 -3.25 -11.24
C ASN B 76 -11.97 -4.21 -11.39
N ASP B 77 -13.02 -3.96 -10.63
CA ASP B 77 -14.22 -4.79 -10.62
C ASP B 77 -15.42 -4.02 -11.16
N LEU B 78 -15.16 -2.95 -11.90
CA LEU B 78 -16.25 -2.13 -12.43
C LEU B 78 -16.65 -2.44 -13.88
N ASP B 79 -17.92 -2.20 -14.17
CA ASP B 79 -18.44 -2.40 -15.51
C ASP B 79 -18.51 -0.99 -16.11
N ASP B 80 -17.47 -0.62 -16.87
CA ASP B 80 -17.38 0.71 -17.48
C ASP B 80 -17.40 1.81 -16.42
N GLY B 81 -16.61 1.60 -15.37
CA GLY B 81 -16.52 2.58 -14.30
C GLY B 81 -17.68 2.59 -13.31
N VAL B 82 -18.53 1.56 -13.37
CA VAL B 82 -19.66 1.50 -12.47
C VAL B 82 -19.92 0.11 -11.88
N ILE B 83 -20.45 0.09 -10.67
CA ILE B 83 -20.81 -1.16 -10.03
C ILE B 83 -22.05 -0.89 -9.20
N ILE B 84 -23.01 -1.80 -9.28
CA ILE B 84 -24.26 -1.65 -8.54
C ILE B 84 -24.54 -2.87 -7.66
N GLN B 85 -25.41 -2.67 -6.68
CA GLN B 85 -25.78 -3.73 -5.76
C GLN B 85 -27.29 -3.68 -5.53
N MET B 86 -28.01 -4.75 -5.85
CA MET B 86 -29.45 -4.78 -5.65
C MET B 86 -29.71 -4.99 -4.15
N PRO B 87 -30.92 -4.62 -3.68
CA PRO B 87 -31.30 -4.75 -2.27
C PRO B 87 -31.21 -6.14 -1.64
N ASP B 88 -31.53 -7.19 -2.39
CA ASP B 88 -31.50 -8.54 -1.81
C ASP B 88 -30.11 -9.16 -1.74
N GLU B 89 -29.18 -8.63 -2.55
CA GLU B 89 -27.80 -9.11 -2.58
C GLU B 89 -27.07 -8.68 -1.31
N ARG B 90 -27.72 -7.82 -0.55
CA ARG B 90 -27.16 -7.26 0.67
C ARG B 90 -26.79 -8.25 1.79
N PRO B 91 -25.50 -8.25 2.20
CA PRO B 91 -25.03 -9.15 3.26
C PRO B 91 -25.36 -8.56 4.63
N ILE B 92 -25.53 -9.43 5.64
CA ILE B 92 -25.87 -9.00 6.99
C ILE B 92 -24.88 -9.56 8.02
N LEU B 93 -24.56 -8.74 9.02
CA LEU B 93 -23.62 -9.13 10.07
C LEU B 93 -24.12 -8.58 11.40
N LYS B 94 -24.04 -9.40 12.44
CA LYS B 94 -24.46 -9.05 13.78
C LYS B 94 -23.42 -8.16 14.46
N GLY B 95 -23.88 -7.12 15.15
CA GLY B 95 -22.98 -6.22 15.84
C GLY B 95 -23.17 -6.31 17.33
N VAL B 96 -22.35 -7.14 17.97
CA VAL B 96 -22.41 -7.35 19.40
C VAL B 96 -21.30 -6.53 20.05
N ARG B 97 -21.67 -5.40 20.67
CA ARG B 97 -20.69 -4.52 21.32
C ARG B 97 -20.46 -5.08 22.72
N ASP B 98 -19.19 -5.32 23.07
CA ASP B 98 -18.86 -5.92 24.35
C ASP B 98 -20.07 -6.61 24.93
N ASN B 99 -20.57 -7.41 23.99
CA ASN B 99 -21.69 -8.32 23.98
C ASN B 99 -23.08 -8.13 24.58
N VAL B 100 -23.93 -7.67 23.67
CA VAL B 100 -25.37 -7.40 23.79
C VAL B 100 -25.62 -6.98 22.35
N ASP B 101 -26.75 -7.39 21.76
CA ASP B 101 -27.04 -7.01 20.37
C ASP B 101 -27.16 -5.49 20.26
N TYR B 102 -26.23 -4.88 19.52
CA TYR B 102 -26.22 -3.43 19.38
C TYR B 102 -26.66 -2.93 18.00
N TYR B 103 -25.95 -3.33 16.95
CA TYR B 103 -26.30 -2.92 15.59
C TYR B 103 -26.47 -4.14 14.70
N VAL B 104 -26.97 -3.91 13.50
CA VAL B 104 -27.11 -4.96 12.49
C VAL B 104 -26.52 -4.30 11.25
N TYR B 105 -25.43 -4.85 10.75
CA TYR B 105 -24.76 -4.30 9.58
C TYR B 105 -25.18 -4.85 8.24
N ASN B 106 -25.96 -4.07 7.50
CA ASN B 106 -26.42 -4.45 6.18
C ASN B 106 -25.52 -3.73 5.18
N CYS B 107 -24.56 -4.47 4.63
CA CYS B 107 -23.57 -3.94 3.71
C CYS B 107 -24.04 -3.54 2.32
N LEU B 108 -23.64 -2.33 1.91
CA LEU B 108 -23.99 -1.82 0.60
C LEU B 108 -22.82 -2.07 -0.35
N VAL B 109 -22.94 -1.62 -1.60
CA VAL B 109 -21.90 -1.85 -2.60
C VAL B 109 -20.50 -1.35 -2.25
N ARG B 110 -19.50 -2.12 -2.65
CA ARG B 110 -18.09 -1.81 -2.42
C ARG B 110 -17.33 -2.03 -3.73
N THR B 111 -16.07 -1.61 -3.78
CA THR B 111 -15.27 -1.75 -4.98
C THR B 111 -13.78 -1.69 -4.66
N LYS B 112 -13.02 -2.52 -5.37
CA LYS B 112 -11.58 -2.56 -5.18
C LYS B 112 -10.91 -1.29 -5.70
N ARG B 113 -11.67 -0.48 -6.44
CA ARG B 113 -11.16 0.78 -6.98
C ARG B 113 -11.20 1.88 -5.92
N ALA B 114 -11.93 1.64 -4.84
CA ALA B 114 -12.03 2.60 -3.73
C ALA B 114 -12.20 1.81 -2.44
N PRO B 115 -11.20 0.95 -2.12
CA PRO B 115 -11.17 0.09 -0.95
C PRO B 115 -11.71 0.67 0.36
N SER B 116 -11.40 1.94 0.64
CA SER B 116 -11.85 2.53 1.89
C SER B 116 -13.34 2.87 1.96
N LEU B 117 -14.04 2.72 0.83
CA LEU B 117 -15.48 2.98 0.79
C LEU B 117 -16.24 1.78 1.35
N VAL B 118 -16.85 1.95 2.51
CA VAL B 118 -17.63 0.89 3.12
C VAL B 118 -18.98 1.47 3.52
N PRO B 119 -19.94 1.48 2.59
CA PRO B 119 -21.27 2.02 2.88
C PRO B 119 -22.13 0.97 3.57
N LEU B 120 -23.06 1.41 4.41
CA LEU B 120 -23.90 0.47 5.15
C LEU B 120 -25.22 1.05 5.64
N VAL B 121 -26.22 0.18 5.76
CA VAL B 121 -27.50 0.56 6.32
C VAL B 121 -27.37 -0.08 7.71
N VAL B 122 -27.27 0.73 8.75
CA VAL B 122 -27.13 0.21 10.09
C VAL B 122 -28.40 0.30 10.90
N ASP B 123 -28.86 -0.84 11.39
CA ASP B 123 -30.04 -0.88 12.23
C ASP B 123 -29.57 -0.68 13.65
N VAL B 124 -30.04 0.39 14.28
CA VAL B 124 -29.67 0.69 15.65
C VAL B 124 -30.73 -0.03 16.46
N LEU B 125 -30.30 -1.06 17.18
CA LEU B 125 -31.17 -1.93 17.98
C LEU B 125 -31.68 -1.42 19.32
N THR B 126 -30.77 -1.04 20.22
CA THR B 126 -31.19 -0.55 21.54
C THR B 126 -31.73 0.89 21.47
N ASP B 127 -32.63 1.20 22.40
CA ASP B 127 -33.23 2.52 22.46
C ASP B 127 -33.09 3.13 23.85
N ASN B 128 -31.98 2.80 24.51
CA ASN B 128 -31.71 3.31 25.85
C ASN B 128 -30.34 3.97 25.85
N PRO B 129 -30.29 5.29 25.65
CA PRO B 129 -29.05 6.06 25.61
C PRO B 129 -28.13 5.78 26.79
N ASP B 130 -28.73 5.55 27.95
CA ASP B 130 -27.96 5.29 29.16
C ASP B 130 -26.98 4.12 29.05
N ASP B 131 -27.26 3.18 28.15
CA ASP B 131 -26.36 2.04 27.97
C ASP B 131 -25.82 2.04 26.55
N ALA B 132 -25.32 3.19 26.12
CA ALA B 132 -24.77 3.32 24.78
C ALA B 132 -23.39 2.69 24.86
N LYS B 133 -23.00 1.95 23.83
CA LYS B 133 -21.69 1.31 23.81
C LYS B 133 -20.82 2.02 22.78
N PHE B 134 -19.74 2.62 23.27
CA PHE B 134 -18.81 3.37 22.44
C PHE B 134 -17.86 2.57 21.61
N ASN B 135 -17.17 3.31 20.74
CA ASN B 135 -16.14 2.78 19.85
C ASN B 135 -14.87 3.25 20.54
N SER B 136 -13.75 3.06 19.88
CA SER B 136 -12.50 3.52 20.44
C SER B 136 -12.17 4.64 19.43
N GLY B 137 -12.93 4.60 18.31
CA GLY B 137 -12.78 5.44 17.16
C GLY B 137 -12.07 4.54 16.18
N HIS B 138 -12.37 4.65 14.87
CA HIS B 138 -11.77 3.85 13.77
C HIS B 138 -11.04 4.74 12.74
N ALA B 139 -10.19 4.12 11.93
CA ALA B 139 -9.40 4.88 10.94
C ALA B 139 -10.40 5.27 9.90
N GLY B 140 -10.33 6.49 9.37
CA GLY B 140 -11.30 6.89 8.36
C GLY B 140 -12.49 7.81 8.69
N ASN B 141 -12.94 8.65 7.75
CA ASN B 141 -14.06 9.54 8.07
C ASN B 141 -15.36 8.78 7.85
N GLU B 142 -16.44 9.28 8.42
CA GLU B 142 -17.70 8.59 8.21
C GLU B 142 -18.83 9.59 8.11
N PHE B 143 -19.62 9.44 7.06
CA PHE B 143 -20.76 10.29 6.82
C PHE B 143 -22.00 9.50 7.17
N LEU B 144 -22.90 10.11 7.94
CA LEU B 144 -24.11 9.43 8.34
C LEU B 144 -25.37 10.20 7.98
N PHE B 145 -26.45 9.43 7.83
CA PHE B 145 -27.75 9.96 7.48
C PHE B 145 -28.78 9.11 8.22
N VAL B 146 -29.68 9.78 8.94
CA VAL B 146 -30.72 9.08 9.67
C VAL B 146 -31.82 8.69 8.69
N LEU B 147 -31.86 7.41 8.35
CA LEU B 147 -32.84 6.88 7.39
C LEU B 147 -34.26 6.75 7.91
N GLU B 148 -34.38 6.31 9.16
CA GLU B 148 -35.68 6.13 9.79
C GLU B 148 -35.58 6.33 11.29
N GLY B 149 -36.72 6.63 11.91
CA GLY B 149 -36.77 6.86 13.34
C GLY B 149 -35.98 8.08 13.77
N GLU B 150 -35.62 8.11 15.05
CA GLU B 150 -34.87 9.21 15.63
C GLU B 150 -33.67 8.62 16.35
N ILE B 151 -32.46 9.19 16.11
CA ILE B 151 -31.23 8.67 16.67
C ILE B 151 -30.73 9.56 17.81
N HIS B 152 -30.06 8.91 18.78
CA HIS B 152 -29.43 9.60 19.90
C HIS B 152 -27.96 9.24 19.76
N MET B 153 -27.16 10.22 19.41
CA MET B 153 -25.73 10.05 19.18
C MET B 153 -24.85 10.59 20.31
N LYS B 154 -23.75 9.90 20.57
CA LYS B 154 -22.81 10.33 21.61
C LYS B 154 -21.41 10.25 21.04
N TRP B 155 -20.54 11.18 21.40
CA TRP B 155 -19.18 11.13 20.89
C TRP B 155 -18.16 11.81 21.77
N GLY B 156 -16.89 11.56 21.49
CA GLY B 156 -15.83 12.15 22.28
C GLY B 156 -15.48 11.29 23.49
N ASP B 157 -15.41 11.91 24.66
CA ASP B 157 -15.07 11.20 25.90
C ASP B 157 -16.30 10.48 26.44
N LYS B 158 -16.29 9.15 26.40
CA LYS B 158 -17.45 8.41 26.89
C LYS B 158 -17.77 8.73 28.35
N GLU B 159 -16.79 9.25 29.08
CA GLU B 159 -17.02 9.61 30.48
C GLU B 159 -17.85 10.91 30.61
N ASN B 160 -17.79 11.74 29.57
CA ASN B 160 -18.49 13.03 29.54
C ASN B 160 -18.55 13.47 28.07
N PRO B 161 -19.38 12.78 27.27
CA PRO B 161 -19.55 13.02 25.84
C PRO B 161 -20.48 14.12 25.34
N LYS B 162 -20.24 14.47 24.08
CA LYS B 162 -21.04 15.45 23.38
C LYS B 162 -22.20 14.59 22.90
N GLU B 163 -23.39 15.17 22.82
CA GLU B 163 -24.55 14.38 22.41
C GLU B 163 -25.46 15.13 21.45
N ALA B 164 -26.35 14.41 20.80
CA ALA B 164 -27.28 15.02 19.88
C ALA B 164 -28.46 14.13 19.51
N LEU B 165 -29.66 14.70 19.58
CA LEU B 165 -30.87 14.00 19.19
C LEU B 165 -31.00 14.33 17.72
N LEU B 166 -31.03 13.30 16.88
CA LEU B 166 -31.11 13.53 15.46
C LEU B 166 -32.27 12.81 14.80
N PRO B 167 -33.24 13.58 14.28
CA PRO B 167 -34.42 13.03 13.62
C PRO B 167 -34.13 12.56 12.19
N THR B 168 -35.16 12.00 11.56
CA THR B 168 -35.04 11.51 10.19
C THR B 168 -34.63 12.62 9.23
N GLY B 169 -33.62 12.34 8.42
CA GLY B 169 -33.15 13.32 7.46
C GLY B 169 -31.85 13.97 7.89
N ALA B 170 -31.58 13.96 9.18
CA ALA B 170 -30.35 14.58 9.68
C ALA B 170 -29.12 13.87 9.12
N SER B 171 -28.04 14.61 8.94
CA SER B 171 -26.80 14.04 8.42
C SER B 171 -25.67 14.43 9.36
N MET B 172 -24.66 13.59 9.45
CA MET B 172 -23.54 13.87 10.33
C MET B 172 -22.20 13.49 9.71
N PHE B 173 -21.14 14.03 10.29
CA PHE B 173 -19.79 13.73 9.85
C PHE B 173 -18.97 13.45 11.09
N VAL B 174 -18.27 12.33 11.07
CA VAL B 174 -17.41 11.96 12.18
C VAL B 174 -15.99 11.80 11.66
N GLU B 175 -15.08 12.57 12.24
CA GLU B 175 -13.68 12.53 11.85
C GLU B 175 -13.00 11.25 12.34
N GLU B 176 -11.94 10.83 11.65
CA GLU B 176 -11.23 9.61 12.02
C GLU B 176 -10.77 9.59 13.47
N HIS B 177 -10.86 8.40 14.06
CA HIS B 177 -10.45 8.16 15.44
C HIS B 177 -11.33 8.76 16.51
N VAL B 178 -12.37 9.48 16.09
CA VAL B 178 -13.28 10.07 17.07
C VAL B 178 -14.21 8.97 17.60
N PRO B 179 -14.16 8.68 18.91
CA PRO B 179 -15.04 7.64 19.45
C PRO B 179 -16.51 8.03 19.36
N HIS B 180 -17.34 7.07 18.98
CA HIS B 180 -18.77 7.34 18.85
C HIS B 180 -19.66 6.15 19.16
N ALA B 181 -20.90 6.46 19.52
CA ALA B 181 -21.89 5.46 19.86
C ALA B 181 -23.29 5.95 19.47
N PHE B 182 -24.15 5.01 19.09
CA PHE B 182 -25.51 5.35 18.70
C PHE B 182 -26.52 4.39 19.33
N THR B 183 -27.72 4.90 19.58
CA THR B 183 -28.84 4.13 20.09
C THR B 183 -30.03 4.91 19.54
N ALA B 184 -31.23 4.33 19.59
CA ALA B 184 -32.41 5.05 19.13
C ALA B 184 -32.75 5.99 20.27
N ALA B 185 -33.59 6.98 20.00
CA ALA B 185 -33.98 7.91 21.06
C ALA B 185 -34.67 7.11 22.17
N LYS B 186 -34.40 7.49 23.42
CA LYS B 186 -34.96 6.85 24.60
C LYS B 186 -36.44 6.48 24.40
N GLY B 187 -36.74 5.19 24.45
CA GLY B 187 -38.12 4.73 24.30
C GLY B 187 -38.68 4.54 22.91
N THR B 188 -38.00 5.02 21.87
CA THR B 188 -38.51 4.88 20.50
C THR B 188 -38.32 3.51 19.86
N GLY B 189 -37.79 2.55 20.61
CA GLY B 189 -37.61 1.22 20.07
C GLY B 189 -36.42 0.96 19.16
N SER B 190 -36.47 1.46 17.93
CA SER B 190 -35.35 1.25 17.00
C SER B 190 -35.23 2.38 15.98
N ALA B 191 -34.07 2.45 15.35
CA ALA B 191 -33.80 3.47 14.34
C ALA B 191 -32.93 2.88 13.26
N LYS B 192 -32.71 3.63 12.19
CA LYS B 192 -31.90 3.14 11.09
C LYS B 192 -31.16 4.30 10.45
N LEU B 193 -29.89 4.09 10.14
CA LEU B 193 -29.12 5.15 9.51
C LEU B 193 -28.24 4.62 8.39
N ILE B 194 -27.87 5.49 7.50
CA ILE B 194 -26.90 5.14 6.47
C ILE B 194 -25.48 5.55 6.88
N ALA B 195 -24.57 4.68 6.81
CA ALA B 195 -23.22 5.01 7.24
C ALA B 195 -22.27 4.77 6.09
N VAL B 196 -21.53 5.81 5.74
CA VAL B 196 -20.59 5.70 4.65
C VAL B 196 -19.19 6.01 5.13
N ASN B 197 -18.39 4.97 5.28
CA ASN B 197 -17.01 5.10 5.73
C ASN B 197 -16.18 5.37 4.49
N PHE B 198 -15.23 6.29 4.60
CA PHE B 198 -14.36 6.63 3.49
C PHE B 198 -13.07 7.28 4.00
CO CO C . 18.14 7.69 -14.55
P1 S0H D . 19.98 4.99 -15.51
C2 S0H D . 20.06 4.74 -17.33
C3 S0H D . 20.45 3.29 -17.74
O6 S0H D . 20.56 3.18 -19.13
C1 S0H D . 21.44 3.05 -17.37
O13 S0H D . 19.64 3.80 -14.75
O14 S0H D . 18.99 6.14 -15.19
O15 S0H D . 21.29 5.70 -15.03
CO CO E . -18.21 4.44 12.96
P1 S0H F . -19.36 1.56 13.69
C2 S0H F . -21.03 2.06 13.18
C3 S0H F . -21.33 3.52 13.58
O6 S0H F . -20.32 4.37 13.13
C1 S0H F . -22.26 3.84 13.09
O13 S0H F . -19.15 0.13 13.58
O14 S0H F . -19.09 2.08 15.13
O15 S0H F . -18.28 2.38 12.94
#